data_6BLG
#
_entry.id   6BLG
#
_cell.length_a   130.853
_cell.length_b   130.853
_cell.length_c   138.752
_cell.angle_alpha   90.00
_cell.angle_beta   90.00
_cell.angle_gamma   120.00
#
_symmetry.space_group_name_H-M   'H 3 2'
#
loop_
_entity.id
_entity.type
_entity.pdbx_description
1 polymer 'dTDP-4-amino-4,6-dideoxygalactose transaminase'
2 non-polymer '2-(N-MORPHOLINO)-ETHANESULFONIC ACID'
3 non-polymer 'CHLORIDE ION'
4 non-polymer 'SULFATE ION'
5 non-polymer 'FORMIC ACID'
6 non-polymer 1,2-ETHANEDIOL
7 water water
#
_entity_poly.entity_id   1
_entity_poly.type   'polypeptide(L)'
_entity_poly.pdbx_seq_one_letter_code
;SNAMIPFNAPPVVGTELDYMQSAMNSGKLCGDGGFTRRCQQWMEQRFGTAKALLTPSCTASLEMAALLLDIQPGDEVIMP
SYTFVSTANAFVLRGAKIVFVDIRRDTMNIDETLIEAAITDKTRAIVPVHYAGVACEMDTIMAIADKYNLFVVEDAAQGV
MSTYKGRALGTIGHIGCFSFHET(LLP)NYTAGGEGGATLINDRTLVERAEIIREKGTNRSQFFRGLVDKYTWRDIGSSY
LMSDLQAAYLWAQLEAAERINQQRLALWQNYYDALLPLARAGRIELPTVPADCGQNAHMFYIKLRDIEDRSRLIAWLKEA
EILAVFHYIPLHSCPAGEQFGEFRGEDRYTTQESERLVRLPLFYNLSVVNQRTVINSLLSYFS
;
_entity_poly.pdbx_strand_id   A
#
# COMPACT_ATOMS: atom_id res chain seq x y z
N MET A 4 14.62 11.92 21.44
CA MET A 4 14.69 10.82 20.51
C MET A 4 13.75 11.04 19.32
N ILE A 5 14.30 11.14 18.11
CA ILE A 5 13.50 11.38 16.92
C ILE A 5 13.09 10.01 16.34
N PRO A 6 11.81 9.64 16.40
CA PRO A 6 11.40 8.33 15.88
C PRO A 6 11.27 8.35 14.36
N PHE A 7 11.18 7.14 13.79
CA PHE A 7 10.98 7.02 12.36
C PHE A 7 9.55 7.37 11.97
N ASN A 8 8.59 7.07 12.83
CA ASN A 8 7.19 7.32 12.54
C ASN A 8 6.44 7.65 13.82
N ALA A 9 5.46 8.54 13.69
CA ALA A 9 4.42 8.74 14.69
C ALA A 9 3.08 8.80 13.97
N PRO A 10 2.06 8.13 14.48
CA PRO A 10 0.79 8.06 13.76
C PRO A 10 0.21 9.45 13.54
N PRO A 11 -0.52 9.65 12.45
CA PRO A 11 -1.14 10.96 12.21
C PRO A 11 -2.17 11.26 13.30
N VAL A 12 -2.14 12.50 13.79
CA VAL A 12 -3.16 12.98 14.72
C VAL A 12 -3.64 14.33 14.23
N VAL A 13 -4.96 14.46 14.04
CA VAL A 13 -5.57 15.62 13.40
C VAL A 13 -6.18 16.53 14.46
N GLY A 14 -6.70 15.95 15.53
CA GLY A 14 -7.28 16.72 16.63
C GLY A 14 -8.78 16.62 16.74
N THR A 15 -9.43 15.86 15.86
CA THR A 15 -10.88 15.71 15.87
C THR A 15 -11.32 14.27 16.08
N GLU A 16 -10.36 13.34 16.21
CA GLU A 16 -10.69 11.92 16.28
C GLU A 16 -11.59 11.61 17.47
N LEU A 17 -11.22 12.13 18.64
CA LEU A 17 -11.99 11.86 19.86
C LEU A 17 -13.43 12.29 19.69
N ASP A 18 -13.64 13.48 19.13
CA ASP A 18 -15.00 13.98 18.93
C ASP A 18 -15.80 13.05 18.04
N TYR A 19 -15.20 12.59 16.94
CA TYR A 19 -15.93 11.71 16.02
C TYR A 19 -16.20 10.35 16.66
N MET A 20 -15.24 9.81 17.40
CA MET A 20 -15.48 8.55 18.08
C MET A 20 -16.57 8.68 19.13
N GLN A 21 -16.57 9.79 19.87
CA GLN A 21 -17.63 10.02 20.84
C GLN A 21 -18.99 10.05 20.14
N SER A 22 -19.05 10.70 18.98
CA SER A 22 -20.30 10.73 18.22
C SER A 22 -20.71 9.32 17.81
N ALA A 23 -19.75 8.51 17.34
CA ALA A 23 -20.05 7.13 17.01
C ALA A 23 -20.58 6.37 18.22
N MET A 24 -19.99 6.59 19.39
CA MET A 24 -20.46 5.91 20.59
C MET A 24 -21.84 6.41 21.03
N ASN A 25 -22.18 7.67 20.72
CA ASN A 25 -23.51 8.16 21.05
C ASN A 25 -24.58 7.48 20.22
N SER A 26 -24.26 7.11 18.97
CA SER A 26 -25.24 6.42 18.14
C SER A 26 -25.55 5.02 18.63
N GLY A 27 -24.65 4.41 19.41
CA GLY A 27 -24.85 3.06 19.90
C GLY A 27 -24.70 1.98 18.85
N LYS A 28 -24.04 2.27 17.72
CA LYS A 28 -23.84 1.29 16.65
C LYS A 28 -22.36 1.34 16.30
N LEU A 29 -21.57 0.41 16.86
CA LEU A 29 -20.14 0.41 16.66
C LEU A 29 -19.65 -0.73 15.76
N CYS A 30 -20.53 -1.65 15.36
CA CYS A 30 -20.08 -2.76 14.53
C CYS A 30 -19.86 -2.26 13.09
N GLY A 31 -19.35 -3.15 12.25
CA GLY A 31 -19.07 -2.79 10.86
C GLY A 31 -20.31 -2.35 10.12
N ASP A 32 -20.08 -1.73 8.95
CA ASP A 32 -21.15 -1.21 8.09
C ASP A 32 -22.06 -0.24 8.85
N GLY A 33 -21.46 0.69 9.58
CA GLY A 33 -22.17 1.70 10.31
C GLY A 33 -22.07 3.06 9.65
N GLY A 34 -22.58 4.07 10.36
CA GLY A 34 -22.67 5.40 9.79
C GLY A 34 -21.33 5.97 9.35
N PHE A 35 -20.28 5.74 10.14
CA PHE A 35 -18.99 6.28 9.73
C PHE A 35 -18.31 5.42 8.68
N THR A 36 -18.59 4.12 8.66
CA THR A 36 -18.13 3.29 7.55
C THR A 36 -18.70 3.81 6.24
N ARG A 37 -20.00 4.05 6.20
CA ARG A 37 -20.64 4.57 5.01
C ARG A 37 -20.03 5.91 4.60
N ARG A 38 -19.78 6.79 5.57
CA ARG A 38 -19.21 8.09 5.24
C ARG A 38 -17.84 7.94 4.58
N CYS A 39 -16.98 7.09 5.14
CA CYS A 39 -15.65 6.88 4.57
C CYS A 39 -15.72 6.23 3.19
N GLN A 40 -16.59 5.23 3.04
CA GLN A 40 -16.69 4.53 1.76
C GLN A 40 -17.25 5.43 0.68
N GLN A 41 -18.25 6.26 1.02
N GLN A 41 -18.25 6.25 1.03
CA GLN A 41 -18.79 7.20 0.05
CA GLN A 41 -18.81 7.21 0.08
C GLN A 41 -17.74 8.23 -0.33
C GLN A 41 -17.77 8.26 -0.32
N TRP A 42 -16.92 8.66 0.64
CA TRP A 42 -15.88 9.65 0.34
C TRP A 42 -14.86 9.10 -0.66
N MET A 43 -14.43 7.85 -0.47
CA MET A 43 -13.53 7.23 -1.42
C MET A 43 -14.19 7.06 -2.78
N GLU A 44 -15.46 6.64 -2.80
CA GLU A 44 -16.14 6.49 -4.08
C GLU A 44 -16.27 7.84 -4.78
N GLN A 45 -16.64 8.90 -4.05
CA GLN A 45 -16.82 10.21 -4.67
C GLN A 45 -15.48 10.81 -5.10
N ARG A 46 -14.46 10.75 -4.26
N ARG A 46 -14.47 10.74 -4.24
CA ARG A 46 -13.21 11.44 -4.58
CA ARG A 46 -13.19 11.40 -4.50
C ARG A 46 -12.26 10.62 -5.44
C ARG A 46 -12.32 10.61 -5.47
N PHE A 47 -12.23 9.29 -5.30
CA PHE A 47 -11.31 8.45 -6.06
C PHE A 47 -11.96 7.79 -7.28
N GLY A 48 -13.22 7.36 -7.17
CA GLY A 48 -13.98 6.93 -8.33
C GLY A 48 -14.26 5.44 -8.45
N THR A 49 -13.89 4.64 -7.46
CA THR A 49 -14.13 3.21 -7.54
C THR A 49 -15.64 2.92 -7.53
N ALA A 50 -15.99 1.72 -8.01
CA ALA A 50 -17.41 1.33 -8.00
C ALA A 50 -17.88 1.09 -6.58
N LYS A 51 -17.10 0.37 -5.77
CA LYS A 51 -17.45 0.15 -4.37
C LYS A 51 -16.19 0.19 -3.52
N ALA A 52 -16.22 1.01 -2.47
CA ALA A 52 -15.17 0.97 -1.46
C ALA A 52 -15.69 0.20 -0.25
N LEU A 53 -14.86 -0.71 0.27
CA LEU A 53 -15.24 -1.57 1.38
C LEU A 53 -14.12 -1.55 2.42
N LEU A 54 -14.44 -1.05 3.62
CA LEU A 54 -13.47 -0.99 4.72
C LEU A 54 -13.27 -2.37 5.35
N THR A 55 -12.02 -2.71 5.62
CA THR A 55 -11.61 -4.02 6.14
C THR A 55 -10.74 -3.83 7.37
N PRO A 56 -10.37 -4.91 8.06
CA PRO A 56 -9.49 -4.78 9.23
C PRO A 56 -8.04 -4.42 8.92
N SER A 57 -7.57 -4.62 7.68
CA SER A 57 -6.16 -4.40 7.35
C SER A 57 -6.02 -4.45 5.85
N CYS A 58 -4.92 -3.88 5.35
CA CYS A 58 -4.61 -4.10 3.95
C CYS A 58 -4.35 -5.57 3.69
N THR A 59 -3.77 -6.26 4.66
CA THR A 59 -3.57 -7.71 4.53
C THR A 59 -4.89 -8.39 4.26
N ALA A 60 -5.90 -8.07 5.07
CA ALA A 60 -7.22 -8.65 4.86
C ALA A 60 -7.81 -8.26 3.51
N SER A 61 -7.59 -7.01 3.07
CA SER A 61 -8.05 -6.60 1.75
C SER A 61 -7.42 -7.43 0.65
N LEU A 62 -6.12 -7.70 0.76
CA LEU A 62 -5.43 -8.53 -0.22
C LEU A 62 -5.94 -9.96 -0.21
N GLU A 63 -6.16 -10.52 0.99
CA GLU A 63 -6.76 -11.85 1.07
C GLU A 63 -8.13 -11.85 0.40
N MET A 64 -8.94 -10.83 0.68
CA MET A 64 -10.27 -10.74 0.12
C MET A 64 -10.21 -10.71 -1.40
N ALA A 65 -9.22 -10.00 -1.96
CA ALA A 65 -9.09 -9.93 -3.41
C ALA A 65 -8.72 -11.28 -3.99
N ALA A 66 -7.79 -12.00 -3.36
CA ALA A 66 -7.45 -13.33 -3.84
C ALA A 66 -8.66 -14.24 -3.82
N LEU A 67 -9.44 -14.19 -2.74
CA LEU A 67 -10.66 -14.98 -2.66
C LEU A 67 -11.70 -14.50 -3.67
N LEU A 68 -11.83 -13.18 -3.83
CA LEU A 68 -12.74 -12.63 -4.84
C LEU A 68 -12.41 -13.17 -6.23
N LEU A 69 -11.13 -13.28 -6.56
CA LEU A 69 -10.71 -13.76 -7.87
C LEU A 69 -10.76 -15.28 -8.01
N ASP A 70 -11.18 -15.99 -6.96
CA ASP A 70 -11.33 -17.45 -7.01
C ASP A 70 -9.99 -18.12 -7.35
N ILE A 71 -8.89 -17.56 -6.84
CA ILE A 71 -7.60 -18.19 -6.98
C ILE A 71 -7.68 -19.64 -6.53
N GLN A 72 -7.08 -20.54 -7.31
CA GLN A 72 -7.08 -21.98 -7.09
C GLN A 72 -5.66 -22.49 -6.94
N PRO A 73 -5.46 -23.63 -6.29
CA PRO A 73 -4.12 -24.22 -6.22
C PRO A 73 -3.49 -24.37 -7.60
N GLY A 74 -2.24 -23.91 -7.72
CA GLY A 74 -1.50 -23.99 -8.96
C GLY A 74 -1.57 -22.74 -9.81
N ASP A 75 -2.59 -21.90 -9.64
CA ASP A 75 -2.61 -20.63 -10.33
C ASP A 75 -1.34 -19.85 -10.02
N GLU A 76 -0.83 -19.12 -11.02
CA GLU A 76 0.36 -18.32 -10.83
C GLU A 76 -0.01 -16.84 -10.75
N VAL A 77 0.59 -16.15 -9.78
CA VAL A 77 0.36 -14.74 -9.55
C VAL A 77 1.71 -14.04 -9.61
N ILE A 78 1.83 -13.06 -10.52
CA ILE A 78 3.07 -12.34 -10.75
C ILE A 78 3.13 -11.13 -9.82
N MET A 79 4.25 -10.98 -9.11
CA MET A 79 4.39 -9.85 -8.20
C MET A 79 5.88 -9.59 -7.98
N PRO A 80 6.25 -8.44 -7.44
CA PRO A 80 7.66 -8.20 -7.13
C PRO A 80 8.07 -8.98 -5.90
N SER A 81 9.36 -9.33 -5.87
CA SER A 81 9.95 -9.87 -4.65
C SER A 81 10.23 -8.77 -3.63
N TYR A 82 10.41 -7.54 -4.09
CA TYR A 82 10.64 -6.41 -3.19
C TYR A 82 9.27 -5.84 -2.82
N THR A 83 8.62 -6.51 -1.88
CA THR A 83 7.36 -6.03 -1.35
C THR A 83 7.14 -6.62 0.05
N PHE A 84 6.09 -6.15 0.71
CA PHE A 84 5.71 -6.66 2.01
C PHE A 84 5.21 -8.11 1.91
N VAL A 85 5.49 -8.88 2.97
CA VAL A 85 5.16 -10.31 2.99
C VAL A 85 3.67 -10.56 2.69
N SER A 86 2.78 -9.69 3.20
CA SER A 86 1.34 -9.89 3.01
C SER A 86 0.93 -9.96 1.54
N THR A 87 1.60 -9.21 0.66
CA THR A 87 1.31 -9.31 -0.78
C THR A 87 1.36 -10.76 -1.25
N ALA A 88 2.36 -11.52 -0.79
CA ALA A 88 2.48 -12.92 -1.18
C ALA A 88 1.52 -13.82 -0.40
N ASN A 89 1.50 -13.67 0.94
CA ASN A 89 0.66 -14.54 1.79
C ASN A 89 -0.77 -14.60 1.28
N ALA A 90 -1.34 -13.44 0.95
CA ALA A 90 -2.76 -13.38 0.57
C ALA A 90 -3.09 -14.36 -0.53
N PHE A 91 -2.18 -14.55 -1.47
CA PHE A 91 -2.44 -15.45 -2.58
C PHE A 91 -2.00 -16.87 -2.29
N VAL A 92 -0.90 -17.05 -1.55
CA VAL A 92 -0.48 -18.39 -1.15
C VAL A 92 -1.57 -19.05 -0.31
N LEU A 93 -2.28 -18.26 0.51
CA LEU A 93 -3.35 -18.84 1.32
C LEU A 93 -4.40 -19.51 0.46
N ARG A 94 -4.63 -19.01 -0.76
CA ARG A 94 -5.55 -19.64 -1.70
C ARG A 94 -4.88 -20.70 -2.56
N GLY A 95 -3.62 -21.03 -2.30
CA GLY A 95 -2.91 -22.07 -3.02
C GLY A 95 -2.13 -21.63 -4.23
N ALA A 96 -1.92 -20.32 -4.41
CA ALA A 96 -1.22 -19.84 -5.58
C ALA A 96 0.28 -20.09 -5.47
N LYS A 97 0.90 -20.37 -6.61
CA LYS A 97 2.35 -20.29 -6.73
C LYS A 97 2.72 -18.85 -7.11
N ILE A 98 3.73 -18.29 -6.43
CA ILE A 98 4.11 -16.90 -6.66
C ILE A 98 5.23 -16.85 -7.68
N VAL A 99 5.12 -15.93 -8.64
CA VAL A 99 6.11 -15.75 -9.69
C VAL A 99 6.69 -14.36 -9.50
N PHE A 100 7.90 -14.29 -8.97
CA PHE A 100 8.55 -13.01 -8.68
C PHE A 100 9.23 -12.45 -9.91
N VAL A 101 9.19 -11.12 -10.05
CA VAL A 101 9.79 -10.41 -11.16
C VAL A 101 10.63 -9.26 -10.61
N ASP A 102 11.80 -9.04 -11.22
CA ASP A 102 12.72 -8.00 -10.75
C ASP A 102 12.06 -6.61 -10.79
N ILE A 103 12.66 -5.69 -10.05
CA ILE A 103 12.15 -4.32 -9.93
C ILE A 103 12.97 -3.39 -10.83
N ARG A 104 12.47 -2.16 -10.99
CA ARG A 104 13.26 -1.09 -11.61
C ARG A 104 14.12 -0.41 -10.56
N ARG A 105 15.30 0.02 -10.99
CA ARG A 105 16.23 0.68 -10.08
C ARG A 105 15.73 2.07 -9.68
N ASP A 106 15.05 2.78 -10.57
CA ASP A 106 14.77 4.18 -10.30
C ASP A 106 13.63 4.36 -9.30
N THR A 107 12.66 3.44 -9.28
CA THR A 107 11.48 3.58 -8.43
C THR A 107 11.24 2.41 -7.50
N MET A 108 12.03 1.34 -7.59
CA MET A 108 11.85 0.11 -6.80
C MET A 108 10.50 -0.56 -7.04
N ASN A 109 9.76 -0.17 -8.08
CA ASN A 109 8.55 -0.85 -8.49
C ASN A 109 8.86 -1.98 -9.47
N ILE A 110 7.94 -2.94 -9.55
CA ILE A 110 8.06 -4.02 -10.52
C ILE A 110 8.36 -3.43 -11.90
N ASP A 111 9.28 -4.06 -12.61
CA ASP A 111 9.67 -3.59 -13.94
C ASP A 111 8.62 -4.08 -14.93
N GLU A 112 7.84 -3.13 -15.47
CA GLU A 112 6.74 -3.51 -16.36
C GLU A 112 7.25 -4.19 -17.61
N THR A 113 8.49 -3.92 -18.02
CA THR A 113 9.04 -4.54 -19.22
C THR A 113 9.53 -5.96 -18.98
N LEU A 114 9.30 -6.50 -17.80
CA LEU A 114 9.70 -7.86 -17.48
C LEU A 114 8.51 -8.76 -17.17
N ILE A 115 7.31 -8.19 -17.04
CA ILE A 115 6.17 -8.98 -16.59
C ILE A 115 5.74 -9.98 -17.65
N GLU A 116 5.73 -9.58 -18.92
CA GLU A 116 5.19 -10.45 -19.96
C GLU A 116 6.00 -11.74 -20.09
N ALA A 117 7.34 -11.64 -20.04
CA ALA A 117 8.18 -12.82 -20.11
C ALA A 117 7.86 -13.86 -19.02
N ALA A 118 7.22 -13.45 -17.93
CA ALA A 118 6.92 -14.38 -16.85
C ALA A 118 5.53 -14.99 -16.95
N ILE A 119 4.76 -14.68 -17.98
CA ILE A 119 3.39 -15.15 -18.06
C ILE A 119 3.38 -16.56 -18.62
N THR A 120 2.56 -17.42 -18.03
CA THR A 120 2.35 -18.79 -18.48
C THR A 120 0.85 -19.05 -18.56
N ASP A 121 0.49 -20.22 -19.08
CA ASP A 121 -0.91 -20.61 -19.11
C ASP A 121 -1.52 -20.77 -17.72
N LYS A 122 -0.71 -20.81 -16.67
CA LYS A 122 -1.27 -20.86 -15.32
C LYS A 122 -1.41 -19.48 -14.69
N THR A 123 -0.89 -18.44 -15.34
CA THR A 123 -0.95 -17.12 -14.75
C THR A 123 -2.40 -16.63 -14.72
N ARG A 124 -2.80 -16.06 -13.58
N ARG A 124 -2.81 -16.06 -13.58
CA ARG A 124 -4.14 -15.54 -13.39
CA ARG A 124 -4.15 -15.53 -13.43
C ARG A 124 -4.18 -14.07 -13.01
C ARG A 124 -4.19 -14.06 -13.02
N ALA A 125 -3.12 -13.52 -12.44
CA ALA A 125 -3.18 -12.15 -11.97
C ALA A 125 -1.77 -11.56 -11.87
N ILE A 126 -1.73 -10.24 -11.83
CA ILE A 126 -0.51 -9.45 -11.62
C ILE A 126 -0.79 -8.52 -10.47
N VAL A 127 0.16 -8.41 -9.54
CA VAL A 127 -0.02 -7.58 -8.35
C VAL A 127 1.06 -6.52 -8.31
N PRO A 128 0.86 -5.37 -8.95
CA PRO A 128 1.86 -4.29 -8.82
C PRO A 128 1.78 -3.67 -7.44
N VAL A 129 2.94 -3.29 -6.91
CA VAL A 129 3.03 -2.60 -5.62
C VAL A 129 3.54 -1.20 -5.90
N HIS A 130 2.78 -0.18 -5.50
CA HIS A 130 3.19 1.21 -5.67
C HIS A 130 4.12 1.59 -4.53
N TYR A 131 5.42 1.37 -4.73
CA TYR A 131 6.39 1.61 -3.68
C TYR A 131 6.52 3.10 -3.38
N ALA A 132 6.52 3.44 -2.09
CA ALA A 132 6.67 4.81 -1.60
C ALA A 132 5.55 5.75 -2.07
N GLY A 133 4.41 5.21 -2.50
CA GLY A 133 3.37 6.02 -3.05
C GLY A 133 3.61 6.50 -4.46
N VAL A 134 4.63 5.95 -5.13
CA VAL A 134 4.95 6.25 -6.52
C VAL A 134 4.37 5.13 -7.37
N ALA A 135 3.49 5.49 -8.31
CA ALA A 135 2.78 4.47 -9.08
C ALA A 135 3.73 3.68 -9.95
N CYS A 136 3.46 2.38 -10.08
CA CYS A 136 4.01 1.59 -11.18
C CYS A 136 3.48 2.11 -12.52
N GLU A 137 4.05 1.58 -13.61
CA GLU A 137 3.73 2.02 -14.98
C GLU A 137 2.42 1.35 -15.38
N MET A 138 1.31 1.92 -14.92
CA MET A 138 0.05 1.19 -14.91
C MET A 138 -0.50 0.97 -16.31
N ASP A 139 -0.37 1.97 -17.20
CA ASP A 139 -0.87 1.80 -18.56
C ASP A 139 -0.23 0.60 -19.24
N THR A 140 1.08 0.43 -19.05
CA THR A 140 1.76 -0.74 -19.63
C THR A 140 1.26 -2.03 -18.96
N ILE A 141 1.02 -2.00 -17.66
CA ILE A 141 0.63 -3.22 -16.95
C ILE A 141 -0.79 -3.62 -17.33
N MET A 142 -1.71 -2.66 -17.40
CA MET A 142 -3.08 -2.98 -17.80
C MET A 142 -3.13 -3.51 -19.23
N ALA A 143 -2.32 -2.95 -20.12
CA ALA A 143 -2.29 -3.44 -21.49
C ALA A 143 -1.79 -4.88 -21.56
N ILE A 144 -0.79 -5.22 -20.74
CA ILE A 144 -0.32 -6.60 -20.68
C ILE A 144 -1.42 -7.51 -20.16
N ALA A 145 -2.08 -7.11 -19.07
CA ALA A 145 -3.12 -7.95 -18.49
C ALA A 145 -4.28 -8.17 -19.45
N ASP A 146 -4.68 -7.11 -20.17
CA ASP A 146 -5.79 -7.26 -21.09
C ASP A 146 -5.43 -8.18 -22.25
N LYS A 147 -4.18 -8.13 -22.71
CA LYS A 147 -3.77 -9.00 -23.82
C LYS A 147 -3.80 -10.47 -23.41
N TYR A 148 -3.55 -10.77 -22.12
CA TYR A 148 -3.51 -12.14 -21.63
C TYR A 148 -4.70 -12.50 -20.75
N ASN A 149 -5.69 -11.61 -20.62
CA ASN A 149 -6.88 -11.84 -19.80
C ASN A 149 -6.50 -12.19 -18.36
N LEU A 150 -5.76 -11.29 -17.74
CA LEU A 150 -5.35 -11.43 -16.36
C LEU A 150 -6.00 -10.35 -15.52
N PHE A 151 -6.32 -10.68 -14.27
CA PHE A 151 -6.68 -9.65 -13.31
C PHE A 151 -5.45 -8.92 -12.84
N VAL A 152 -5.63 -7.64 -12.52
CA VAL A 152 -4.60 -6.80 -11.92
C VAL A 152 -5.10 -6.35 -10.57
N VAL A 153 -4.30 -6.58 -9.53
CA VAL A 153 -4.61 -6.20 -8.16
C VAL A 153 -3.55 -5.23 -7.72
N GLU A 154 -3.95 -3.98 -7.49
CA GLU A 154 -3.02 -2.99 -6.97
C GLU A 154 -2.85 -3.19 -5.47
N ASP A 155 -1.62 -3.41 -5.04
CA ASP A 155 -1.27 -3.22 -3.63
C ASP A 155 -0.92 -1.75 -3.48
N ALA A 156 -1.93 -0.95 -3.14
CA ALA A 156 -1.79 0.48 -2.92
C ALA A 156 -1.74 0.80 -1.45
N ALA A 157 -1.19 -0.10 -0.65
CA ALA A 157 -1.09 0.14 0.79
C ALA A 157 -0.47 1.50 1.09
N GLN A 158 0.56 1.88 0.33
CA GLN A 158 1.30 3.11 0.54
C GLN A 158 0.81 4.26 -0.32
N GLY A 159 -0.33 4.10 -1.01
CA GLY A 159 -0.66 5.03 -2.07
C GLY A 159 -1.96 5.80 -1.90
N VAL A 160 -2.50 5.89 -0.68
CA VAL A 160 -3.67 6.71 -0.47
C VAL A 160 -3.33 8.16 -0.77
N MET A 161 -4.09 8.78 -1.68
CA MET A 161 -3.96 10.14 -2.19
C MET A 161 -2.90 10.21 -3.30
N SER A 162 -2.24 9.12 -3.66
CA SER A 162 -1.35 9.14 -4.81
C SER A 162 -2.15 9.02 -6.11
N THR A 163 -1.56 9.49 -7.20
CA THR A 163 -2.23 9.43 -8.49
C THR A 163 -1.26 8.94 -9.56
N TYR A 164 -1.83 8.53 -10.68
CA TYR A 164 -1.10 8.16 -11.89
C TYR A 164 -1.89 8.72 -13.06
N LYS A 165 -1.31 9.70 -13.77
CA LYS A 165 -2.02 10.41 -14.84
C LYS A 165 -3.37 10.92 -14.35
N GLY A 166 -3.40 11.50 -13.16
CA GLY A 166 -4.62 12.05 -12.61
C GLY A 166 -5.58 11.06 -11.99
N ARG A 167 -5.34 9.76 -12.08
CA ARG A 167 -6.24 8.76 -11.54
C ARG A 167 -5.75 8.29 -10.17
N ALA A 168 -6.70 8.12 -9.25
CA ALA A 168 -6.33 7.74 -7.89
C ALA A 168 -5.79 6.32 -7.87
N LEU A 169 -4.62 6.16 -7.25
CA LEU A 169 -4.10 4.81 -7.08
C LEU A 169 -5.10 3.97 -6.30
N GLY A 170 -5.13 2.68 -6.63
CA GLY A 170 -6.15 1.81 -6.10
C GLY A 170 -7.43 1.72 -6.91
N THR A 171 -7.64 2.61 -7.90
CA THR A 171 -8.83 2.56 -8.73
C THR A 171 -8.53 2.15 -10.17
N ILE A 172 -7.30 1.75 -10.46
CA ILE A 172 -6.88 1.45 -11.83
C ILE A 172 -6.98 -0.03 -12.14
N GLY A 173 -6.47 -0.89 -11.26
CA GLY A 173 -6.62 -2.31 -11.47
C GLY A 173 -8.07 -2.74 -11.28
N HIS A 174 -8.32 -4.03 -11.56
CA HIS A 174 -9.63 -4.60 -11.28
C HIS A 174 -10.00 -4.44 -9.81
N ILE A 175 -9.03 -4.69 -8.92
CA ILE A 175 -9.19 -4.53 -7.48
C ILE A 175 -8.00 -3.72 -6.96
N GLY A 176 -8.25 -2.83 -6.01
CA GLY A 176 -7.19 -2.14 -5.32
C GLY A 176 -7.33 -2.28 -3.82
N CYS A 177 -6.18 -2.21 -3.14
CA CYS A 177 -6.15 -2.39 -1.69
C CYS A 177 -5.40 -1.25 -1.04
N PHE A 178 -6.01 -0.64 -0.02
CA PHE A 178 -5.43 0.39 0.82
C PHE A 178 -5.05 -0.16 2.20
N SER A 179 -4.05 0.44 2.81
CA SER A 179 -3.72 0.19 4.22
C SER A 179 -3.97 1.45 5.04
N PHE A 180 -4.58 1.27 6.22
CA PHE A 180 -4.74 2.34 7.20
C PHE A 180 -4.04 2.01 8.51
N HIS A 181 -2.94 1.27 8.40
CA HIS A 181 -2.09 1.01 9.55
C HIS A 181 -1.48 2.31 10.07
N GLU A 182 -1.16 2.35 11.36
CA GLU A 182 -0.69 3.58 11.97
C GLU A 182 0.62 4.09 11.37
N THR A 183 1.32 3.30 10.56
CA THR A 183 2.55 3.76 9.93
C THR A 183 2.34 4.31 8.53
N ASN A 185 -0.18 6.75 5.68
CA ASN A 185 -0.48 8.19 5.66
C ASN A 185 -1.71 8.55 6.46
N TYR A 186 -2.68 7.64 6.49
CA TYR A 186 -3.94 7.80 7.21
C TYR A 186 -4.17 6.52 7.99
N THR A 187 -4.69 6.63 9.22
CA THR A 187 -4.87 5.46 10.05
C THR A 187 -6.30 5.41 10.60
N ALA A 188 -6.86 4.20 10.59
CA ALA A 188 -8.17 3.94 11.16
C ALA A 188 -8.01 3.46 12.60
N GLY A 189 -7.40 4.32 13.41
CA GLY A 189 -7.21 3.99 14.81
C GLY A 189 -6.18 2.91 15.06
N GLY A 190 -5.19 2.78 14.19
CA GLY A 190 -4.09 1.85 14.41
C GLY A 190 -3.97 0.77 13.36
N GLU A 191 -5.11 0.24 12.93
CA GLU A 191 -5.17 -0.82 11.92
C GLU A 191 -6.38 -0.57 11.04
N GLY A 192 -6.27 -0.92 9.78
CA GLY A 192 -7.42 -0.96 8.91
C GLY A 192 -6.99 -1.11 7.48
N GLY A 193 -7.97 -1.29 6.61
CA GLY A 193 -7.70 -1.36 5.18
C GLY A 193 -8.96 -1.01 4.42
N ALA A 194 -8.84 -1.05 3.11
CA ALA A 194 -10.01 -0.93 2.25
C ALA A 194 -9.74 -1.70 0.97
N THR A 195 -10.74 -2.44 0.54
CA THR A 195 -10.76 -3.03 -0.79
C THR A 195 -11.59 -2.15 -1.70
N LEU A 196 -11.04 -1.84 -2.87
CA LEU A 196 -11.69 -1.00 -3.85
C LEU A 196 -12.02 -1.86 -5.06
N ILE A 197 -13.31 -1.98 -5.39
CA ILE A 197 -13.76 -2.79 -6.52
C ILE A 197 -13.93 -1.87 -7.72
N ASN A 198 -13.06 -2.00 -8.70
CA ASN A 198 -13.11 -1.18 -9.90
C ASN A 198 -13.72 -1.89 -11.08
N ASP A 199 -13.55 -3.20 -11.17
CA ASP A 199 -14.30 -4.01 -12.12
C ASP A 199 -15.75 -4.13 -11.66
N ARG A 200 -16.66 -3.50 -12.40
CA ARG A 200 -18.08 -3.47 -12.00
C ARG A 200 -18.68 -4.88 -11.94
N THR A 201 -18.16 -5.82 -12.71
CA THR A 201 -18.69 -7.18 -12.66
C THR A 201 -18.32 -7.92 -11.38
N LEU A 202 -17.45 -7.39 -10.54
CA LEU A 202 -17.02 -8.08 -9.33
C LEU A 202 -17.69 -7.59 -8.06
N VAL A 203 -18.51 -6.53 -8.14
CA VAL A 203 -19.03 -5.89 -6.93
C VAL A 203 -19.90 -6.86 -6.14
N GLU A 204 -20.82 -7.54 -6.82
CA GLU A 204 -21.74 -8.41 -6.10
C GLU A 204 -21.01 -9.52 -5.37
N ARG A 205 -20.03 -10.15 -6.02
CA ARG A 205 -19.29 -11.21 -5.34
C ARG A 205 -18.49 -10.65 -4.16
N ALA A 206 -17.90 -9.47 -4.34
CA ALA A 206 -17.18 -8.84 -3.23
C ALA A 206 -18.07 -8.67 -2.01
N GLU A 207 -19.32 -8.24 -2.22
CA GLU A 207 -20.21 -8.02 -1.09
C GLU A 207 -20.57 -9.33 -0.42
N ILE A 208 -20.67 -10.40 -1.20
CA ILE A 208 -20.99 -11.71 -0.61
C ILE A 208 -19.83 -12.22 0.23
N ILE A 209 -18.61 -12.18 -0.30
CA ILE A 209 -17.53 -12.79 0.47
C ILE A 209 -17.20 -11.94 1.70
N ARG A 210 -17.40 -10.63 1.62
CA ARG A 210 -17.16 -9.76 2.77
C ARG A 210 -18.18 -10.02 3.87
N GLU A 211 -19.41 -10.34 3.49
CA GLU A 211 -20.52 -10.62 4.42
C GLU A 211 -20.65 -12.10 4.71
N LYS A 212 -19.52 -12.74 5.06
CA LYS A 212 -19.52 -14.10 5.59
C LYS A 212 -20.15 -15.12 4.64
N GLY A 213 -20.10 -14.85 3.34
CA GLY A 213 -20.62 -15.78 2.35
C GLY A 213 -22.11 -15.74 2.14
N THR A 214 -22.78 -14.69 2.63
CA THR A 214 -24.22 -14.53 2.51
C THR A 214 -24.55 -13.37 1.58
N ASN A 215 -25.77 -13.39 1.05
CA ASN A 215 -26.28 -12.26 0.26
C ASN A 215 -27.02 -11.27 1.14
N ARG A 216 -26.39 -10.94 2.28
CA ARG A 216 -26.99 -10.01 3.23
C ARG A 216 -27.20 -8.63 2.63
N SER A 217 -26.18 -8.11 1.94
CA SER A 217 -26.30 -6.78 1.34
C SER A 217 -27.44 -6.75 0.34
N GLN A 218 -27.64 -7.85 -0.39
CA GLN A 218 -28.75 -7.93 -1.33
C GLN A 218 -30.10 -7.96 -0.60
N PHE A 219 -30.14 -8.50 0.62
CA PHE A 219 -31.38 -8.50 1.37
C PHE A 219 -31.71 -7.10 1.89
N PHE A 220 -30.70 -6.38 2.38
CA PHE A 220 -30.94 -5.01 2.83
C PHE A 220 -31.38 -4.11 1.68
N ARG A 221 -31.00 -4.44 0.44
CA ARG A 221 -31.45 -3.67 -0.71
C ARG A 221 -32.88 -3.99 -1.12
N GLY A 222 -33.49 -5.01 -0.51
CA GLY A 222 -34.86 -5.34 -0.84
C GLY A 222 -35.04 -6.24 -2.05
N LEU A 223 -33.97 -6.85 -2.56
CA LEU A 223 -34.05 -7.67 -3.75
C LEU A 223 -34.42 -9.12 -3.46
N VAL A 224 -34.17 -9.60 -2.24
CA VAL A 224 -34.57 -10.94 -1.82
C VAL A 224 -35.36 -10.84 -0.53
N ASP A 225 -36.31 -11.78 -0.36
CA ASP A 225 -37.05 -11.88 0.90
C ASP A 225 -36.11 -12.13 2.07
N LYS A 226 -35.24 -13.13 1.96
CA LYS A 226 -34.32 -13.43 3.03
C LYS A 226 -32.98 -13.81 2.42
N TYR A 227 -31.93 -13.64 3.21
CA TYR A 227 -30.60 -13.98 2.76
C TYR A 227 -30.20 -15.33 3.35
N THR A 228 -29.26 -15.98 2.68
CA THR A 228 -28.82 -17.31 3.06
C THR A 228 -27.31 -17.43 2.85
N TRP A 229 -26.75 -18.53 3.34
CA TRP A 229 -25.35 -18.88 3.12
C TRP A 229 -25.21 -19.50 1.73
N ARG A 230 -24.58 -18.77 0.80
CA ARG A 230 -24.49 -19.23 -0.57
C ARG A 230 -23.06 -19.40 -1.07
N ASP A 231 -22.05 -18.93 -0.36
CA ASP A 231 -20.68 -19.17 -0.77
C ASP A 231 -19.77 -19.21 0.44
N ILE A 232 -18.55 -19.68 0.21
CA ILE A 232 -17.50 -19.53 1.21
C ILE A 232 -17.17 -18.05 1.33
N GLY A 233 -17.06 -17.57 2.56
CA GLY A 233 -16.76 -16.15 2.78
C GLY A 233 -15.97 -15.93 4.06
N SER A 234 -15.79 -14.67 4.43
CA SER A 234 -15.08 -14.33 5.66
C SER A 234 -15.69 -13.04 6.22
N SER A 235 -15.06 -12.50 7.24
CA SER A 235 -15.54 -11.27 7.86
C SER A 235 -14.50 -10.19 7.58
N TYR A 236 -14.77 -9.36 6.58
CA TYR A 236 -13.83 -8.32 6.21
C TYR A 236 -14.37 -6.96 6.62
N LEU A 237 -14.62 -6.78 7.91
CA LEU A 237 -15.30 -5.60 8.41
C LEU A 237 -14.39 -4.79 9.32
N MET A 238 -14.41 -3.48 9.14
CA MET A 238 -13.83 -2.57 10.12
C MET A 238 -14.90 -2.14 11.12
N SER A 239 -14.49 -1.94 12.37
CA SER A 239 -15.42 -1.43 13.37
C SER A 239 -15.75 0.02 13.08
N ASP A 240 -16.99 0.42 13.38
CA ASP A 240 -17.36 1.81 13.11
C ASP A 240 -16.63 2.77 14.04
N LEU A 241 -16.13 2.27 15.18
CA LEU A 241 -15.19 3.05 15.99
C LEU A 241 -13.95 3.42 15.19
N GLN A 242 -13.35 2.45 14.49
CA GLN A 242 -12.18 2.78 13.69
C GLN A 242 -12.54 3.62 12.47
N ALA A 243 -13.70 3.36 11.86
CA ALA A 243 -14.10 4.19 10.72
C ALA A 243 -14.30 5.65 11.14
N ALA A 244 -14.68 5.90 12.39
CA ALA A 244 -14.80 7.29 12.84
C ALA A 244 -13.44 7.94 13.01
N TYR A 245 -12.46 7.19 13.53
CA TYR A 245 -11.09 7.68 13.58
C TYR A 245 -10.57 8.00 12.18
N LEU A 246 -10.84 7.09 11.24
CA LEU A 246 -10.40 7.28 9.85
C LEU A 246 -11.05 8.50 9.23
N TRP A 247 -12.34 8.69 9.51
CA TRP A 247 -13.05 9.82 8.91
C TRP A 247 -12.38 11.13 9.30
N ALA A 248 -12.04 11.29 10.59
CA ALA A 248 -11.31 12.47 11.02
C ALA A 248 -10.07 12.70 10.16
N GLN A 249 -9.37 11.63 9.80
CA GLN A 249 -8.17 11.76 8.98
C GLN A 249 -8.52 12.01 7.52
N LEU A 250 -9.53 11.32 6.98
CA LEU A 250 -9.92 11.54 5.58
C LEU A 250 -10.48 12.93 5.37
N GLU A 251 -11.18 13.49 6.36
CA GLU A 251 -11.64 14.86 6.26
C GLU A 251 -10.48 15.83 6.15
N ALA A 252 -9.30 15.44 6.62
CA ALA A 252 -8.10 16.25 6.53
C ALA A 252 -7.12 15.71 5.49
N ALA A 253 -7.63 15.06 4.45
CA ALA A 253 -6.78 14.30 3.53
C ALA A 253 -5.74 15.19 2.87
N GLU A 254 -6.18 16.32 2.30
CA GLU A 254 -5.24 17.21 1.60
C GLU A 254 -4.29 17.91 2.58
N ARG A 255 -4.81 18.30 3.76
CA ARG A 255 -3.96 18.90 4.78
C ARG A 255 -2.77 17.99 5.10
N ILE A 256 -3.05 16.72 5.36
CA ILE A 256 -1.99 15.75 5.66
C ILE A 256 -1.06 15.61 4.47
N ASN A 257 -1.63 15.38 3.28
CA ASN A 257 -0.84 15.16 2.06
C ASN A 257 0.11 16.32 1.83
N GLN A 258 -0.40 17.55 1.91
CA GLN A 258 0.43 18.73 1.63
C GLN A 258 1.55 18.89 2.66
N GLN A 259 1.26 18.59 3.93
CA GLN A 259 2.29 18.64 4.97
C GLN A 259 3.39 17.63 4.69
N ARG A 260 3.03 16.39 4.39
CA ARG A 260 4.04 15.38 4.12
C ARG A 260 4.86 15.75 2.89
N LEU A 261 4.21 16.26 1.84
CA LEU A 261 4.93 16.62 0.61
C LEU A 261 5.94 17.74 0.89
N ALA A 262 5.53 18.76 1.63
CA ALA A 262 6.46 19.83 2.01
C ALA A 262 7.66 19.29 2.79
N LEU A 263 7.41 18.41 3.76
CA LEU A 263 8.52 17.79 4.48
C LEU A 263 9.42 17.02 3.54
N TRP A 264 8.80 16.21 2.66
CA TRP A 264 9.54 15.45 1.65
C TRP A 264 10.47 16.35 0.86
N GLN A 265 9.98 17.51 0.43
CA GLN A 265 10.78 18.38 -0.44
C GLN A 265 11.95 19.02 0.31
N ASN A 266 11.83 19.20 1.63
CA ASN A 266 12.96 19.73 2.41
C ASN A 266 14.12 18.73 2.45
N TYR A 267 13.81 17.45 2.59
CA TYR A 267 14.81 16.39 2.47
C TYR A 267 15.50 16.44 1.11
N TYR A 268 14.71 16.55 0.04
CA TYR A 268 15.28 16.50 -1.31
C TYR A 268 16.20 17.68 -1.57
N ASP A 269 15.71 18.90 -1.29
CA ASP A 269 16.53 20.09 -1.42
C ASP A 269 17.87 19.94 -0.70
N ALA A 270 17.83 19.48 0.55
CA ALA A 270 19.03 19.43 1.37
C ALA A 270 20.00 18.36 0.91
N LEU A 271 19.50 17.26 0.33
CA LEU A 271 20.36 16.15 -0.02
C LEU A 271 20.72 16.11 -1.50
N LEU A 272 20.07 16.93 -2.32
CA LEU A 272 20.39 16.96 -3.75
C LEU A 272 21.87 17.14 -4.03
N PRO A 273 22.62 18.03 -3.35
CA PRO A 273 24.05 18.13 -3.68
C PRO A 273 24.81 16.84 -3.47
N LEU A 274 24.53 16.11 -2.38
CA LEU A 274 25.18 14.81 -2.20
C LEU A 274 24.80 13.84 -3.32
N ALA A 275 23.61 13.99 -3.91
CA ALA A 275 23.23 13.11 -5.01
C ALA A 275 23.93 13.51 -6.29
N ARG A 276 24.02 14.81 -6.57
CA ARG A 276 24.72 15.27 -7.77
C ARG A 276 26.21 14.97 -7.69
N ALA A 277 26.74 14.79 -6.49
CA ALA A 277 28.13 14.37 -6.35
C ALA A 277 28.29 12.86 -6.47
N GLY A 278 27.19 12.11 -6.55
CA GLY A 278 27.26 10.66 -6.66
C GLY A 278 27.46 9.92 -5.36
N ARG A 279 27.36 10.60 -4.21
CA ARG A 279 27.56 9.92 -2.94
C ARG A 279 26.35 9.06 -2.55
N ILE A 280 25.14 9.54 -2.88
CA ILE A 280 23.89 8.84 -2.59
C ILE A 280 23.01 8.91 -3.83
N GLU A 281 21.87 8.24 -3.75
CA GLU A 281 20.84 8.33 -4.77
C GLU A 281 19.52 8.64 -4.08
N LEU A 282 18.76 9.59 -4.64
CA LEU A 282 17.47 10.02 -4.11
C LEU A 282 16.35 9.31 -4.84
N PRO A 283 15.11 9.39 -4.33
CA PRO A 283 13.98 8.76 -5.04
C PRO A 283 13.76 9.38 -6.41
N THR A 284 13.26 8.56 -7.34
CA THR A 284 12.72 9.03 -8.61
C THR A 284 11.20 9.03 -8.57
N VAL A 285 10.60 10.10 -9.08
CA VAL A 285 9.17 10.23 -9.23
C VAL A 285 8.86 10.50 -10.70
N PRO A 286 8.49 9.46 -11.47
CA PRO A 286 8.28 9.67 -12.91
C PRO A 286 7.18 10.69 -13.18
N ALA A 287 7.21 11.25 -14.39
CA ALA A 287 6.42 12.44 -14.70
C ALA A 287 4.93 12.19 -14.52
N ASP A 288 4.45 10.99 -14.83
CA ASP A 288 3.03 10.69 -14.77
C ASP A 288 2.53 10.40 -13.37
N CYS A 289 3.39 10.44 -12.36
CA CYS A 289 3.07 9.94 -11.02
C CYS A 289 2.92 11.09 -10.04
N GLY A 290 1.78 11.14 -9.36
CA GLY A 290 1.58 12.07 -8.26
C GLY A 290 1.78 11.42 -6.91
N GLN A 291 2.94 11.63 -6.30
CA GLN A 291 3.28 10.92 -5.09
C GLN A 291 2.59 11.53 -3.87
N ASN A 292 2.63 10.79 -2.76
CA ASN A 292 1.97 11.18 -1.52
C ASN A 292 2.94 11.29 -0.36
N ALA A 293 4.24 11.36 -0.64
CA ALA A 293 5.26 11.49 0.40
C ALA A 293 5.07 10.44 1.50
N HIS A 294 4.81 9.21 1.09
CA HIS A 294 4.69 8.15 2.09
C HIS A 294 6.01 7.91 2.82
N MET A 295 7.12 8.02 2.09
CA MET A 295 8.43 7.85 2.68
C MET A 295 9.41 8.71 1.90
N PHE A 296 10.55 8.99 2.52
CA PHE A 296 11.70 9.54 1.81
C PHE A 296 12.84 8.56 2.03
N TYR A 297 13.26 7.87 0.98
CA TYR A 297 14.37 6.94 1.08
C TYR A 297 15.57 7.48 0.33
N ILE A 298 16.76 7.03 0.75
CA ILE A 298 17.97 7.24 -0.03
C ILE A 298 18.68 5.90 -0.17
N LYS A 299 19.60 5.84 -1.12
CA LYS A 299 20.36 4.64 -1.40
C LYS A 299 21.84 4.94 -1.20
N LEU A 300 22.51 4.11 -0.42
CA LEU A 300 23.93 4.28 -0.18
C LEU A 300 24.69 3.30 -1.07
N ARG A 301 25.99 3.16 -0.83
CA ARG A 301 26.81 2.37 -1.74
C ARG A 301 26.49 0.89 -1.66
N ASP A 302 26.23 0.39 -0.46
CA ASP A 302 26.09 -1.04 -0.21
C ASP A 302 25.54 -1.20 1.21
N ILE A 303 25.38 -2.45 1.63
CA ILE A 303 24.77 -2.70 2.94
C ILE A 303 25.69 -2.23 4.07
N GLU A 304 27.01 -2.27 3.86
CA GLU A 304 27.94 -1.78 4.87
C GLU A 304 27.79 -0.27 5.05
N ASP A 305 27.72 0.47 3.94
CA ASP A 305 27.50 1.91 4.02
C ASP A 305 26.17 2.20 4.71
N ARG A 306 25.14 1.43 4.34
CA ARG A 306 23.83 1.62 4.95
C ARG A 306 23.86 1.35 6.44
N SER A 307 24.44 0.21 6.83
CA SER A 307 24.52 -0.12 8.26
C SER A 307 25.26 0.96 9.04
N ARG A 308 26.34 1.50 8.47
CA ARG A 308 27.12 2.48 9.21
C ARG A 308 26.34 3.79 9.39
N LEU A 309 25.57 4.19 8.38
CA LEU A 309 24.76 5.40 8.52
C LEU A 309 23.64 5.21 9.54
N ILE A 310 22.99 4.03 9.53
CA ILE A 310 21.93 3.78 10.50
C ILE A 310 22.47 3.82 11.92
N ALA A 311 23.64 3.19 12.15
CA ALA A 311 24.21 3.22 13.50
C ALA A 311 24.74 4.62 13.85
N TRP A 312 25.17 5.39 12.84
CA TRP A 312 25.52 6.78 13.08
C TRP A 312 24.30 7.57 13.53
N LEU A 313 23.20 7.43 12.80
CA LEU A 313 21.99 8.15 13.17
C LEU A 313 21.46 7.71 14.52
N LYS A 314 21.55 6.41 14.81
CA LYS A 314 21.11 5.91 16.11
C LYS A 314 21.86 6.57 17.26
N GLU A 315 23.17 6.75 17.11
CA GLU A 315 23.97 7.39 18.16
C GLU A 315 23.60 8.85 18.35
N ALA A 316 23.05 9.50 17.32
CA ALA A 316 22.49 10.83 17.47
C ALA A 316 21.02 10.79 17.88
N GLU A 317 20.51 9.61 18.26
CA GLU A 317 19.11 9.45 18.72
C GLU A 317 18.12 9.76 17.60
N ILE A 318 18.48 9.37 16.39
CA ILE A 318 17.60 9.42 15.23
C ILE A 318 17.36 7.99 14.77
N LEU A 319 16.10 7.62 14.62
N LEU A 319 16.09 7.61 14.64
CA LEU A 319 15.74 6.26 14.21
CA LEU A 319 15.71 6.27 14.20
C LEU A 319 15.44 6.27 12.70
C LEU A 319 15.45 6.31 12.70
N ALA A 320 16.39 5.78 11.92
CA ALA A 320 16.19 5.51 10.50
C ALA A 320 16.28 4.01 10.29
N VAL A 321 15.55 3.50 9.29
CA VAL A 321 15.37 2.07 9.14
C VAL A 321 15.52 1.69 7.67
N PHE A 322 15.96 0.45 7.44
CA PHE A 322 15.89 -0.07 6.08
C PHE A 322 14.47 -0.59 5.82
N HIS A 323 14.27 -1.23 4.67
CA HIS A 323 12.94 -1.73 4.37
C HIS A 323 12.99 -3.20 4.01
N TYR A 324 12.32 -3.58 2.92
CA TYR A 324 12.03 -4.98 2.64
C TYR A 324 13.31 -5.80 2.47
N ILE A 325 13.26 -7.02 3.00
CA ILE A 325 14.15 -8.10 2.63
C ILE A 325 13.44 -8.82 1.49
N PRO A 326 14.12 -9.15 0.40
CA PRO A 326 13.43 -9.79 -0.74
C PRO A 326 12.70 -11.04 -0.29
N LEU A 327 11.42 -11.16 -0.68
CA LEU A 327 10.64 -12.33 -0.27
C LEU A 327 11.17 -13.60 -0.90
N HIS A 328 11.70 -13.53 -2.12
CA HIS A 328 11.98 -14.74 -2.87
C HIS A 328 13.10 -15.57 -2.24
N SER A 329 14.08 -14.94 -1.61
CA SER A 329 15.18 -15.66 -0.99
C SER A 329 14.93 -15.96 0.49
N CYS A 330 13.74 -15.65 1.01
CA CYS A 330 13.33 -16.12 2.32
C CYS A 330 12.94 -17.59 2.23
N PRO A 331 12.99 -18.31 3.35
CA PRO A 331 12.64 -19.75 3.29
C PRO A 331 11.26 -20.02 2.73
N ALA A 332 10.24 -19.28 3.17
CA ALA A 332 8.91 -19.50 2.62
C ALA A 332 8.84 -19.10 1.15
N GLY A 333 9.59 -18.06 0.76
CA GLY A 333 9.59 -17.64 -0.63
C GLY A 333 10.16 -18.68 -1.58
N GLU A 334 11.21 -19.38 -1.15
CA GLU A 334 11.75 -20.46 -1.97
C GLU A 334 10.80 -21.65 -2.04
N GLN A 335 9.97 -21.82 -1.01
CA GLN A 335 8.99 -22.90 -0.97
C GLN A 335 7.74 -22.58 -1.80
N PHE A 336 7.26 -21.35 -1.72
CA PHE A 336 5.97 -20.96 -2.28
C PHE A 336 6.09 -20.25 -3.64
N GLY A 337 7.27 -19.75 -4.02
CA GLY A 337 7.40 -19.04 -5.27
C GLY A 337 8.74 -19.27 -5.93
N GLU A 338 8.86 -18.75 -7.15
CA GLU A 338 10.11 -18.76 -7.88
C GLU A 338 10.35 -17.39 -8.49
N PHE A 339 11.63 -17.03 -8.60
CA PHE A 339 12.03 -15.76 -9.19
C PHE A 339 12.45 -16.05 -10.64
N ARG A 340 11.71 -15.48 -11.59
CA ARG A 340 11.98 -15.70 -13.00
C ARG A 340 12.83 -14.58 -13.56
N GLY A 341 13.78 -14.95 -14.40
CA GLY A 341 14.76 -14.01 -14.89
C GLY A 341 15.82 -13.73 -13.85
N GLU A 342 16.70 -12.80 -14.19
CA GLU A 342 17.84 -12.50 -13.33
C GLU A 342 17.44 -11.53 -12.23
N ASP A 343 17.98 -11.74 -11.03
CA ASP A 343 17.87 -10.80 -9.92
C ASP A 343 18.97 -9.77 -10.14
N ARG A 344 18.65 -8.73 -10.90
CA ARG A 344 19.63 -7.68 -11.15
C ARG A 344 19.58 -6.60 -10.09
N TYR A 345 18.39 -6.23 -9.64
CA TYR A 345 18.24 -5.08 -8.76
C TYR A 345 17.53 -5.38 -7.45
N THR A 346 16.72 -6.43 -7.36
CA THR A 346 15.94 -6.68 -6.16
C THR A 346 16.84 -6.80 -4.94
N THR A 347 17.83 -7.69 -4.98
CA THR A 347 18.70 -7.83 -3.82
C THR A 347 19.65 -6.65 -3.69
N GLN A 348 20.34 -6.29 -4.77
CA GLN A 348 21.35 -5.23 -4.70
C GLN A 348 20.76 -3.92 -4.18
N GLU A 349 19.62 -3.50 -4.74
CA GLU A 349 19.06 -2.21 -4.33
C GLU A 349 18.39 -2.27 -2.97
N SER A 350 17.76 -3.39 -2.60
CA SER A 350 17.17 -3.49 -1.27
C SER A 350 18.21 -3.33 -0.18
N GLU A 351 19.44 -3.78 -0.45
CA GLU A 351 20.50 -3.76 0.55
C GLU A 351 21.12 -2.38 0.75
N ARG A 352 20.78 -1.38 -0.05
CA ARG A 352 21.40 -0.08 0.17
C ARG A 352 20.38 1.02 0.47
N LEU A 353 19.12 0.67 0.63
CA LEU A 353 18.05 1.65 0.83
C LEU A 353 17.82 1.87 2.32
N VAL A 354 17.76 3.15 2.72
CA VAL A 354 17.37 3.53 4.07
C VAL A 354 16.25 4.56 3.97
N ARG A 355 15.34 4.50 4.94
CA ARG A 355 14.22 5.41 5.01
C ARG A 355 14.44 6.41 6.13
N LEU A 356 14.10 7.68 5.88
CA LEU A 356 14.31 8.74 6.86
C LEU A 356 13.03 9.05 7.61
N PRO A 357 13.13 9.56 8.86
CA PRO A 357 11.92 9.98 9.58
C PRO A 357 11.01 10.89 8.77
N LEU A 358 9.76 10.49 8.63
CA LEU A 358 8.79 11.24 7.84
C LEU A 358 7.40 10.90 8.35
N PHE A 359 6.67 11.90 8.82
CA PHE A 359 5.31 11.69 9.30
C PHE A 359 4.65 13.06 9.49
N TYR A 360 3.31 13.04 9.52
CA TYR A 360 2.53 14.28 9.48
C TYR A 360 2.99 15.28 10.54
N ASN A 361 3.20 14.81 11.75
CA ASN A 361 3.51 15.69 12.87
C ASN A 361 5.02 15.90 13.07
N LEU A 362 5.86 15.50 12.12
CA LEU A 362 7.29 15.71 12.26
C LEU A 362 7.61 17.20 12.28
N SER A 363 8.25 17.67 13.34
CA SER A 363 8.52 19.09 13.47
C SER A 363 9.62 19.52 12.51
N VAL A 364 9.56 20.79 12.09
CA VAL A 364 10.59 21.34 11.23
C VAL A 364 11.95 21.33 11.92
N VAL A 365 11.97 21.50 13.25
CA VAL A 365 13.24 21.45 13.99
C VAL A 365 13.81 20.05 13.99
N ASN A 366 12.99 19.04 14.32
CA ASN A 366 13.47 17.66 14.30
C ASN A 366 13.94 17.24 12.92
N GLN A 367 13.23 17.70 11.87
CA GLN A 367 13.66 17.37 10.51
C GLN A 367 15.04 17.96 10.22
N ARG A 368 15.27 19.21 10.61
CA ARG A 368 16.56 19.83 10.36
C ARG A 368 17.67 19.13 11.16
N THR A 369 17.35 18.63 12.36
CA THR A 369 18.32 17.81 13.07
C THR A 369 18.72 16.57 12.26
N VAL A 370 17.73 15.89 11.67
CA VAL A 370 18.03 14.73 10.84
C VAL A 370 18.94 15.11 9.67
N ILE A 371 18.57 16.17 8.94
CA ILE A 371 19.37 16.62 7.80
C ILE A 371 20.80 16.89 8.21
N ASN A 372 21.00 17.65 9.30
CA ASN A 372 22.35 18.01 9.72
C ASN A 372 23.16 16.81 10.17
N SER A 373 22.51 15.80 10.74
CA SER A 373 23.24 14.58 11.08
C SER A 373 23.68 13.85 9.83
N LEU A 374 22.81 13.77 8.82
CA LEU A 374 23.17 13.16 7.55
C LEU A 374 24.34 13.88 6.89
N LEU A 375 24.23 15.21 6.80
CA LEU A 375 25.30 15.98 6.17
C LEU A 375 26.62 15.75 6.89
N SER A 376 26.59 15.69 8.21
CA SER A 376 27.81 15.41 8.96
C SER A 376 28.38 14.05 8.60
N TYR A 377 27.52 13.04 8.44
CA TYR A 377 28.02 11.70 8.12
C TYR A 377 28.75 11.68 6.79
N PHE A 378 28.24 12.40 5.79
CA PHE A 378 28.83 12.38 4.46
C PHE A 378 29.93 13.42 4.28
N SER A 379 30.17 14.28 5.27
CA SER A 379 31.11 15.38 5.12
C SER A 379 32.56 14.91 5.22
#